data_5L88
#
_entry.id   5L88
#
_cell.length_a   67.782
_cell.length_b   69.249
_cell.length_c   87.803
_cell.angle_alpha   90.00
_cell.angle_beta   90.00
_cell.angle_gamma   90.00
#
_symmetry.space_group_name_H-M   'P 21 21 21'
#
loop_
_entity.id
_entity.type
_entity.pdbx_description
1 polymer 'Anti-afamin antibody N14, Fab fragment, heavy chain'
2 polymer 'Anti-afamin antibody N14, Fab fragment, light chain'
3 branched alpha-L-fucopyranose-(1-6)-2-acetamido-2-deoxy-beta-D-glucopyranose
4 non-polymer 'TETRAETHYLENE GLYCOL'
5 non-polymer 3,6,9,12,15,18,21-HEPTAOXATRICOSANE-1,23-DIOL
6 non-polymer 'TRIETHYLENE GLYCOL'
7 non-polymer DI(HYDROXYETHYL)ETHER
8 non-polymer 'POTASSIUM ION'
9 non-polymer 'PENTAETHYLENE GLYCOL'
10 water water
#
loop_
_entity_poly.entity_id
_entity_poly.type
_entity_poly.pdbx_seq_one_letter_code
_entity_poly.pdbx_strand_id
1 'polypeptide(L)'
;EVKLEESGPELVKPGASMKMSCKASGYTFTSYIIHWLKQKPGQGLEWIGYINPYNDGSKYNEKFKGKATLTSDKSSSTAY
MELSSLASEDSAVYYCTRNYGSDSLDYWGQGTTLTVSSAKTTPPSVYPLAPGSAAQTNSMVTLGCLVKGYFPEPVTVTWN
SGSLSSGVHTFPAVLQSDLYTLSSSVTVPSSTWPSETVTCNVAHPASSTKVDKKIVPRDC
;
H
2 'polypeptide(L)'
;DIVLTQTPAIMSASLGERVTMTCTANSSVSSNYFHWYQQKPGSSPKLWIYSTSNLASGVPTRFSGSGSGTSYSLTLSSME
AEDAATYYCHQYHRSPPTFGSGTKLKMKRADAAPTVSIFPPSSEQLTSGGASVVCFLNNFYPKDINVKWKIDGSERQNGV
LNSWTDQDSKDSTYSMSSTLTLTKDEYERHNSYTCEATHKTSTSPIVKSFNRNEC
;
L
#
loop_
_chem_comp.id
_chem_comp.type
_chem_comp.name
_chem_comp.formula
1PE non-polymer 'PENTAETHYLENE GLYCOL' 'C10 H22 O6'
FUC L-saccharide, alpha linking alpha-L-fucopyranose 'C6 H12 O5'
K non-polymer 'POTASSIUM ION' 'K 1'
NAG D-saccharide, beta linking 2-acetamido-2-deoxy-beta-D-glucopyranose 'C8 H15 N O6'
PE8 non-polymer 3,6,9,12,15,18,21-HEPTAOXATRICOSANE-1,23-DIOL 'C16 H34 O9'
PEG non-polymer DI(HYDROXYETHYL)ETHER 'C4 H10 O3'
PG4 non-polymer 'TETRAETHYLENE GLYCOL' 'C8 H18 O5'
PGE non-polymer 'TRIETHYLENE GLYCOL' 'C6 H14 O4'
#
# COMPACT_ATOMS: atom_id res chain seq x y z
N GLU A 1 13.67 -17.25 -16.53
CA GLU A 1 12.72 -16.20 -16.06
C GLU A 1 13.47 -14.87 -15.95
N VAL A 2 12.90 -13.83 -16.53
CA VAL A 2 13.44 -12.48 -16.38
C VAL A 2 13.13 -11.96 -14.98
N LYS A 3 14.14 -11.42 -14.29
CA LYS A 3 13.93 -10.78 -13.00
C LYS A 3 14.72 -9.49 -12.90
N LEU A 4 14.08 -8.46 -12.37
CA LEU A 4 14.73 -7.23 -11.96
C LEU A 4 14.61 -7.13 -10.43
N GLU A 5 15.75 -7.15 -9.75
CA GLU A 5 15.78 -7.13 -8.29
C GLU A 5 16.39 -5.85 -7.78
N GLU A 6 15.60 -5.07 -7.08
CA GLU A 6 16.04 -3.77 -6.59
C GLU A 6 16.61 -3.85 -5.17
N SER A 7 17.48 -2.92 -4.87
CA SER A 7 18.03 -2.80 -3.52
C SER A 7 16.94 -2.42 -2.51
N GLY A 8 17.29 -2.57 -1.22
CA GLY A 8 16.34 -2.42 -0.14
C GLY A 8 15.95 -0.99 0.15
N PRO A 9 14.97 -0.80 1.07
CA PRO A 9 14.55 0.55 1.49
C PRO A 9 15.68 1.25 2.22
N GLU A 10 15.75 2.57 2.11
N GLU A 10 15.72 2.58 2.13
CA GLU A 10 16.74 3.33 2.83
CA GLU A 10 16.81 3.37 2.70
C GLU A 10 16.21 4.67 3.29
C GLU A 10 16.33 4.74 3.20
N LEU A 11 16.78 5.14 4.37
CA LEU A 11 16.57 6.51 4.88
C LEU A 11 17.85 7.28 4.56
N VAL A 12 17.70 8.49 4.01
CA VAL A 12 18.82 9.37 3.69
C VAL A 12 18.52 10.74 4.24
N LYS A 13 19.55 11.43 4.69
CA LYS A 13 19.39 12.77 5.27
C LYS A 13 19.25 13.83 4.19
N PRO A 14 18.49 14.91 4.47
CA PRO A 14 18.42 16.03 3.53
C PRO A 14 19.81 16.56 3.22
N GLY A 15 20.08 16.80 1.92
CA GLY A 15 21.35 17.32 1.44
C GLY A 15 22.33 16.25 0.99
N ALA A 16 22.19 15.02 1.49
CA ALA A 16 22.98 13.89 1.01
C ALA A 16 22.40 13.29 -0.28
N SER A 17 23.03 12.21 -0.72
CA SER A 17 22.68 11.53 -1.93
C SER A 17 22.35 10.09 -1.62
N MET A 18 21.74 9.42 -2.59
CA MET A 18 21.35 8.01 -2.49
CA MET A 18 21.53 8.00 -2.44
C MET A 18 21.79 7.31 -3.78
N LYS A 19 22.21 6.06 -3.68
CA LYS A 19 22.40 5.26 -4.88
C LYS A 19 21.70 3.94 -4.64
N MET A 20 20.87 3.57 -5.59
CA MET A 20 20.11 2.33 -5.52
C MET A 20 20.41 1.53 -6.77
N SER A 21 20.16 0.24 -6.67
CA SER A 21 20.55 -0.69 -7.68
C SER A 21 19.37 -1.52 -8.17
N CYS A 22 19.54 -2.06 -9.36
CA CYS A 22 18.56 -2.86 -10.07
C CYS A 22 19.32 -3.99 -10.81
N LYS A 23 19.29 -5.17 -10.21
CA LYS A 23 20.06 -6.33 -10.64
C LYS A 23 19.21 -7.10 -11.63
N ALA A 24 19.68 -7.21 -12.87
CA ALA A 24 18.98 -7.92 -13.96
C ALA A 24 19.47 -9.36 -14.15
N SER A 25 18.54 -10.29 -14.24
CA SER A 25 18.88 -11.67 -14.56
C SER A 25 17.84 -12.31 -15.50
N GLY A 26 18.27 -13.39 -16.16
CA GLY A 26 17.42 -14.19 -17.02
C GLY A 26 17.28 -13.74 -18.47
N TYR A 27 18.06 -12.75 -18.88
CA TYR A 27 18.04 -12.29 -20.25
C TYR A 27 19.34 -11.55 -20.54
N THR A 28 19.54 -11.17 -21.79
CA THR A 28 20.76 -10.46 -22.19
C THR A 28 20.69 -8.97 -21.78
N PHE A 29 21.31 -8.67 -20.63
CA PHE A 29 21.32 -7.35 -20.00
C PHE A 29 21.59 -6.21 -20.97
N THR A 30 22.59 -6.42 -21.84
CA THR A 30 23.02 -5.35 -22.74
C THR A 30 22.09 -5.08 -23.91
N SER A 31 21.07 -5.93 -24.11
CA SER A 31 20.16 -5.81 -25.25
C SER A 31 18.90 -4.96 -25.02
N TYR A 32 18.65 -4.51 -23.78
CA TYR A 32 17.42 -3.81 -23.43
C TYR A 32 17.70 -2.56 -22.60
N ILE A 33 17.06 -1.46 -22.93
CA ILE A 33 17.07 -0.25 -22.10
C ILE A 33 16.33 -0.52 -20.77
N ILE A 34 16.86 0.03 -19.67
CA ILE A 34 16.16 0.06 -18.38
C ILE A 34 15.75 1.48 -18.04
N HIS A 35 14.47 1.66 -17.68
CA HIS A 35 13.91 2.94 -17.25
C HIS A 35 13.81 3.03 -15.73
N TRP A 36 13.93 4.25 -15.22
CA TRP A 36 13.76 4.49 -13.79
C TRP A 36 12.62 5.48 -13.61
N LEU A 37 11.69 5.13 -12.72
CA LEU A 37 10.54 5.97 -12.45
C LEU A 37 10.32 6.21 -10.96
N LYS A 38 9.64 7.31 -10.67
CA LYS A 38 9.33 7.74 -9.33
C LYS A 38 7.84 7.64 -9.10
N GLN A 39 7.44 7.18 -7.92
CA GLN A 39 6.02 7.23 -7.56
C GLN A 39 5.83 7.62 -6.10
N LYS A 40 5.33 8.84 -5.89
CA LYS A 40 4.97 9.31 -4.55
C LYS A 40 3.68 8.60 -4.10
N PRO A 41 3.48 8.47 -2.76
CA PRO A 41 2.25 7.86 -2.24
C PRO A 41 0.99 8.53 -2.78
N GLY A 42 0.10 7.74 -3.37
CA GLY A 42 -1.15 8.27 -3.90
C GLY A 42 -1.02 9.10 -5.17
N GLN A 43 0.08 8.93 -5.91
CA GLN A 43 0.27 9.62 -7.18
C GLN A 43 0.57 8.65 -8.29
N GLY A 44 0.53 9.16 -9.52
CA GLY A 44 1.00 8.43 -10.69
C GLY A 44 2.52 8.35 -10.78
N LEU A 45 2.98 7.84 -11.92
CA LEU A 45 4.39 7.57 -12.15
C LEU A 45 5.02 8.77 -12.85
N GLU A 46 6.26 9.07 -12.48
CA GLU A 46 7.06 10.13 -13.12
C GLU A 46 8.38 9.56 -13.59
N TRP A 47 8.69 9.74 -14.87
CA TRP A 47 9.90 9.15 -15.44
C TRP A 47 11.10 10.05 -15.16
N ILE A 48 12.18 9.43 -14.71
CA ILE A 48 13.42 10.08 -14.38
C ILE A 48 14.40 10.01 -15.57
N GLY A 49 14.60 8.82 -16.10
CA GLY A 49 15.48 8.65 -17.22
C GLY A 49 15.65 7.20 -17.55
N TYR A 50 16.46 6.92 -18.57
CA TYR A 50 16.79 5.55 -18.92
C TYR A 50 18.30 5.34 -19.06
N ILE A 51 18.72 4.08 -18.95
CA ILE A 51 20.11 3.67 -19.18
C ILE A 51 20.11 2.64 -20.32
N ASN A 52 20.98 2.84 -21.29
CA ASN A 52 21.21 1.84 -22.33
C ASN A 52 22.51 1.13 -21.99
N PRO A 53 22.42 -0.09 -21.42
CA PRO A 53 23.64 -0.75 -21.00
C PRO A 53 24.52 -1.25 -22.16
N TYR A 54 24.01 -1.20 -23.39
CA TYR A 54 24.77 -1.56 -24.58
C TYR A 54 25.92 -0.60 -24.83
N ASN A 55 25.63 0.71 -24.77
CA ASN A 55 26.62 1.74 -25.07
C ASN A 55 26.91 2.71 -23.93
N ASP A 56 26.37 2.41 -22.74
CA ASP A 56 26.47 3.23 -21.54
C ASP A 56 25.82 4.63 -21.64
N GLY A 57 24.94 4.83 -22.62
CA GLY A 57 24.26 6.10 -22.80
C GLY A 57 23.03 6.19 -21.93
N SER A 58 22.87 7.30 -21.22
CA SER A 58 21.65 7.55 -20.47
C SER A 58 20.95 8.82 -20.95
N LYS A 59 19.62 8.79 -20.88
CA LYS A 59 18.76 9.89 -21.28
C LYS A 59 17.96 10.32 -20.06
N TYR A 60 17.77 11.63 -19.91
CA TYR A 60 17.14 12.20 -18.71
C TYR A 60 15.93 13.07 -19.03
N ASN A 61 14.92 12.94 -18.18
CA ASN A 61 13.91 13.99 -18.00
C ASN A 61 14.70 15.26 -17.67
N GLU A 62 14.49 16.34 -18.42
CA GLU A 62 15.22 17.61 -18.16
C GLU A 62 15.14 18.06 -16.72
N LYS A 63 13.99 17.80 -16.09
CA LYS A 63 13.77 18.08 -14.66
C LYS A 63 14.80 17.40 -13.78
N PHE A 64 15.23 16.21 -14.18
CA PHE A 64 16.12 15.38 -13.36
C PHE A 64 17.59 15.34 -13.83
N LYS A 65 17.96 16.03 -14.90
CA LYS A 65 19.29 15.82 -15.48
C LYS A 65 20.46 16.30 -14.58
N GLY A 66 20.18 17.24 -13.68
CA GLY A 66 21.11 17.66 -12.66
C GLY A 66 21.15 16.68 -11.51
N LYS A 67 19.97 16.28 -11.02
CA LYS A 67 19.87 15.47 -9.79
C LYS A 67 20.20 13.99 -9.99
N ALA A 68 19.82 13.42 -11.12
CA ALA A 68 19.95 12.00 -11.38
C ALA A 68 21.18 11.67 -12.22
N THR A 69 21.79 10.54 -11.90
CA THR A 69 22.85 9.96 -12.71
C THR A 69 22.58 8.47 -12.75
N LEU A 70 22.34 7.96 -13.95
CA LEU A 70 22.10 6.54 -14.19
C LEU A 70 23.34 5.93 -14.80
N THR A 71 23.73 4.79 -14.24
CA THR A 71 24.94 4.07 -14.64
C THR A 71 24.56 2.60 -14.73
N SER A 72 25.48 1.80 -15.26
CA SER A 72 25.36 0.35 -15.22
C SER A 72 26.71 -0.32 -15.17
N ASP A 73 26.72 -1.53 -14.60
CA ASP A 73 27.93 -2.31 -14.51
C ASP A 73 27.69 -3.59 -15.27
N LYS A 74 28.29 -3.69 -16.46
CA LYS A 74 28.19 -4.87 -17.31
C LYS A 74 28.69 -6.14 -16.58
N SER A 75 29.75 -6.00 -15.78
CA SER A 75 30.31 -7.11 -14.99
C SER A 75 29.31 -7.82 -14.07
N SER A 76 28.35 -7.07 -13.53
CA SER A 76 27.35 -7.63 -12.61
C SER A 76 25.89 -7.57 -13.11
N SER A 77 25.70 -7.21 -14.38
CA SER A 77 24.35 -6.97 -14.95
C SER A 77 23.45 -6.11 -14.02
N THR A 78 23.99 -4.99 -13.58
CA THR A 78 23.31 -4.15 -12.61
C THR A 78 23.27 -2.72 -13.09
N ALA A 79 22.07 -2.13 -13.06
CA ALA A 79 21.87 -0.72 -13.33
C ALA A 79 21.78 0.01 -11.99
N TYR A 80 22.21 1.26 -11.93
CA TYR A 80 22.14 2.06 -10.71
C TYR A 80 21.59 3.43 -10.99
N MET A 81 20.91 4.00 -9.99
CA MET A 81 20.50 5.40 -10.02
C MET A 81 21.02 6.08 -8.79
N GLU A 82 21.68 7.20 -9.01
CA GLU A 82 22.16 8.08 -7.97
C GLU A 82 21.25 9.29 -8.01
N LEU A 83 20.73 9.69 -6.85
CA LEU A 83 19.99 10.95 -6.75
C LEU A 83 20.69 11.84 -5.74
N SER A 84 21.04 13.05 -6.14
CA SER A 84 21.89 13.93 -5.34
C SER A 84 21.14 15.13 -4.76
N SER A 85 21.70 15.72 -3.70
CA SER A 85 21.15 16.89 -3.00
C SER A 85 19.66 16.74 -2.66
N LEU A 86 19.37 15.69 -1.91
CA LEU A 86 18.00 15.26 -1.66
C LEU A 86 17.28 16.15 -0.66
N ALA A 87 15.96 16.18 -0.82
CA ALA A 87 15.06 16.90 0.04
C ALA A 87 13.84 16.02 0.31
N SER A 88 12.96 16.47 1.19
N SER A 88 12.97 16.48 1.19
CA SER A 88 11.83 15.65 1.62
CA SER A 88 11.80 15.70 1.62
C SER A 88 10.94 15.19 0.45
C SER A 88 10.96 15.20 0.45
N GLU A 89 10.82 16.03 -0.58
CA GLU A 89 10.01 15.71 -1.76
C GLU A 89 10.63 14.68 -2.72
N ASP A 90 11.86 14.24 -2.45
CA ASP A 90 12.44 13.08 -3.14
C ASP A 90 11.99 11.75 -2.50
N SER A 91 11.28 11.82 -1.37
CA SER A 91 10.71 10.63 -0.75
C SER A 91 9.66 10.00 -1.66
N ALA A 92 9.84 8.71 -1.98
CA ALA A 92 8.97 8.02 -2.93
C ALA A 92 9.37 6.57 -3.07
N VAL A 93 8.55 5.81 -3.80
CA VAL A 93 8.96 4.50 -4.27
C VAL A 93 9.58 4.68 -5.67
N TYR A 94 10.74 4.10 -5.89
CA TYR A 94 11.38 4.17 -7.20
C TYR A 94 11.43 2.80 -7.85
N TYR A 95 11.08 2.73 -9.14
CA TYR A 95 11.05 1.47 -9.90
C TYR A 95 12.11 1.49 -10.99
N CYS A 96 12.72 0.34 -11.22
CA CYS A 96 13.39 0.07 -12.49
C CYS A 96 12.48 -0.85 -13.29
N THR A 97 12.49 -0.68 -14.61
CA THR A 97 11.64 -1.47 -15.49
C THR A 97 12.28 -1.60 -16.89
N ARG A 98 12.04 -2.75 -17.53
CA ARG A 98 12.67 -3.05 -18.83
C ARG A 98 11.86 -2.52 -20.01
N ASN A 99 12.56 -1.88 -20.93
CA ASN A 99 11.98 -1.37 -22.18
C ASN A 99 11.79 -2.54 -23.14
N TYR A 100 10.56 -2.77 -23.57
CA TYR A 100 10.22 -3.85 -24.50
C TYR A 100 9.77 -3.23 -25.83
N GLY A 101 9.10 -4.01 -26.67
CA GLY A 101 8.61 -3.59 -27.97
C GLY A 101 7.75 -2.35 -27.88
N SER A 102 8.03 -1.42 -28.79
CA SER A 102 7.39 -0.12 -28.85
C SER A 102 7.47 0.66 -27.53
N ASP A 103 8.52 0.37 -26.77
CA ASP A 103 8.86 1.05 -25.53
C ASP A 103 7.78 0.94 -24.45
N SER A 104 7.14 -0.23 -24.40
CA SER A 104 6.30 -0.65 -23.27
C SER A 104 7.24 -1.18 -22.21
N LEU A 105 6.75 -1.21 -20.98
CA LEU A 105 7.56 -1.56 -19.82
C LEU A 105 7.07 -2.90 -19.31
N ASP A 106 7.81 -3.98 -19.64
CA ASP A 106 7.25 -5.34 -19.48
C ASP A 106 7.58 -5.97 -18.13
N TYR A 107 8.85 -6.02 -17.76
CA TYR A 107 9.25 -6.50 -16.43
C TYR A 107 9.62 -5.32 -15.54
N TRP A 108 9.24 -5.42 -14.28
CA TRP A 108 9.41 -4.36 -13.30
C TRP A 108 10.11 -4.90 -12.08
N GLY A 109 11.02 -4.10 -11.51
CA GLY A 109 11.48 -4.38 -10.15
C GLY A 109 10.37 -4.20 -9.12
N GLN A 110 10.63 -4.69 -7.91
CA GLN A 110 9.68 -4.60 -6.79
C GLN A 110 9.54 -3.21 -6.16
N GLY A 111 10.38 -2.27 -6.57
CA GLY A 111 10.37 -0.93 -6.00
C GLY A 111 11.37 -0.81 -4.85
N THR A 112 11.98 0.36 -4.72
CA THR A 112 12.82 0.74 -3.59
C THR A 112 12.14 1.92 -2.90
N THR A 113 11.84 1.80 -1.62
CA THR A 113 11.22 2.91 -0.87
C THR A 113 12.31 3.81 -0.31
N LEU A 114 12.41 5.00 -0.84
CA LEU A 114 13.35 6.01 -0.33
C LEU A 114 12.61 7.06 0.54
N THR A 115 13.10 7.24 1.76
CA THR A 115 12.63 8.28 2.64
C THR A 115 13.79 9.26 2.86
N VAL A 116 13.52 10.54 2.63
CA VAL A 116 14.46 11.60 2.93
C VAL A 116 13.93 12.38 4.11
N SER A 117 14.67 12.36 5.21
CA SER A 117 14.20 12.91 6.47
C SER A 117 15.32 13.09 7.47
N SER A 118 15.18 14.07 8.33
CA SER A 118 16.13 14.31 9.42
C SER A 118 15.99 13.32 10.57
N ALA A 119 14.94 12.50 10.56
CA ALA A 119 14.68 11.58 11.64
C ALA A 119 15.61 10.38 11.63
N LYS A 120 15.61 9.66 12.75
CA LYS A 120 16.51 8.53 12.96
CA LYS A 120 16.50 8.53 12.99
C LYS A 120 15.83 7.21 12.59
N THR A 121 16.60 6.29 12.04
CA THR A 121 16.12 4.92 11.80
C THR A 121 15.83 4.31 13.16
N THR A 122 14.62 3.80 13.38
CA THR A 122 14.24 3.19 14.66
C THR A 122 13.46 1.88 14.40
N PRO A 123 13.85 0.80 15.08
CA PRO A 123 13.11 -0.46 14.88
C PRO A 123 11.72 -0.43 15.54
N PRO A 124 10.78 -1.29 15.10
CA PRO A 124 9.42 -1.29 15.67
C PRO A 124 9.35 -1.94 17.05
N SER A 125 8.44 -1.45 17.88
CA SER A 125 7.95 -2.21 19.03
C SER A 125 6.66 -2.88 18.58
N VAL A 126 6.52 -4.17 18.85
CA VAL A 126 5.36 -4.93 18.39
C VAL A 126 4.62 -5.40 19.62
N TYR A 127 3.32 -5.19 19.64
CA TYR A 127 2.51 -5.50 20.82
C TYR A 127 1.38 -6.43 20.44
N PRO A 128 1.11 -7.46 21.26
CA PRO A 128 0.00 -8.37 20.97
C PRO A 128 -1.32 -7.71 21.28
N LEU A 129 -2.33 -7.94 20.43
CA LEU A 129 -3.71 -7.47 20.65
C LEU A 129 -4.61 -8.69 20.90
N ALA A 130 -4.96 -8.90 22.16
CA ALA A 130 -5.76 -10.07 22.57
C ALA A 130 -7.03 -9.58 23.27
N PRO A 131 -8.17 -10.27 23.06
CA PRO A 131 -9.41 -9.76 23.65
C PRO A 131 -9.34 -9.53 25.17
N GLY A 132 -9.95 -8.45 25.63
CA GLY A 132 -10.16 -8.21 27.06
C GLY A 132 -11.02 -9.31 27.68
N SER A 133 -10.83 -9.52 28.98
CA SER A 133 -11.46 -10.64 29.70
C SER A 133 -12.96 -10.37 29.95
N ALA A 134 -13.74 -10.52 28.88
CA ALA A 134 -15.17 -10.17 28.87
C ALA A 134 -15.87 -10.75 27.63
N THR A 137 -17.48 -15.88 24.23
CA THR A 137 -16.81 -15.70 22.96
C THR A 137 -17.67 -16.24 21.81
N ASN A 138 -17.55 -15.60 20.65
CA ASN A 138 -18.27 -16.02 19.45
CA ASN A 138 -18.26 -15.99 19.42
C ASN A 138 -17.53 -17.19 18.77
N SER A 139 -18.15 -17.81 17.77
CA SER A 139 -17.50 -18.86 16.96
C SER A 139 -16.20 -18.41 16.27
N MET A 140 -16.06 -17.10 16.02
CA MET A 140 -14.87 -16.49 15.47
C MET A 140 -14.27 -15.58 16.52
N VAL A 141 -12.94 -15.42 16.49
CA VAL A 141 -12.27 -14.46 17.37
C VAL A 141 -11.25 -13.66 16.55
N THR A 142 -11.29 -12.34 16.68
CA THR A 142 -10.33 -11.44 16.08
C THR A 142 -9.17 -11.14 17.06
N LEU A 143 -7.95 -11.27 16.56
CA LEU A 143 -6.75 -10.94 17.31
C LEU A 143 -5.99 -9.96 16.44
N GLY A 144 -4.91 -9.38 16.94
CA GLY A 144 -4.11 -8.51 16.09
C GLY A 144 -2.72 -8.26 16.63
N CYS A 145 -1.95 -7.44 15.92
N CYS A 145 -1.99 -7.40 15.92
CA CYS A 145 -0.71 -6.91 16.49
CA CYS A 145 -0.70 -6.89 16.38
C CYS A 145 -0.57 -5.46 16.08
C CYS A 145 -0.61 -5.42 16.07
N LEU A 146 -0.01 -4.68 17.00
CA LEU A 146 0.17 -3.23 16.86
C LEU A 146 1.66 -3.01 16.69
N VAL A 147 2.04 -2.36 15.58
CA VAL A 147 3.46 -2.16 15.22
C VAL A 147 3.76 -0.68 15.34
N LYS A 148 4.42 -0.28 16.44
CA LYS A 148 4.59 1.15 16.78
C LYS A 148 6.05 1.58 16.84
N GLY A 149 6.28 2.85 16.53
CA GLY A 149 7.52 3.51 16.88
C GLY A 149 8.67 3.24 15.94
N TYR A 150 8.39 2.96 14.67
CA TYR A 150 9.44 2.65 13.73
C TYR A 150 9.60 3.73 12.68
N PHE A 151 10.79 3.72 12.07
CA PHE A 151 11.09 4.65 10.97
C PHE A 151 12.31 4.15 10.21
N PRO A 152 12.36 4.23 8.88
CA PRO A 152 11.27 4.58 7.96
C PRO A 152 10.39 3.38 7.55
N GLU A 153 9.50 3.62 6.60
CA GLU A 153 8.79 2.55 5.90
C GLU A 153 9.74 1.77 4.98
N PRO A 154 9.44 0.51 4.63
CA PRO A 154 8.25 -0.22 5.04
C PRO A 154 8.47 -1.18 6.20
N VAL A 155 7.37 -1.73 6.67
CA VAL A 155 7.37 -2.92 7.52
C VAL A 155 6.53 -3.97 6.77
N THR A 156 6.82 -5.26 6.97
CA THR A 156 5.97 -6.33 6.43
C THR A 156 5.42 -7.10 7.62
N VAL A 157 4.16 -7.54 7.51
CA VAL A 157 3.54 -8.39 8.52
C VAL A 157 3.03 -9.69 7.89
N THR A 158 3.44 -10.81 8.49
CA THR A 158 2.98 -12.14 8.11
CA THR A 158 2.92 -12.12 8.10
C THR A 158 2.47 -12.88 9.35
N TRP A 159 1.35 -13.58 9.20
CA TRP A 159 0.74 -14.29 10.30
C TRP A 159 0.97 -15.79 10.15
N ASN A 160 1.17 -16.43 11.29
CA ASN A 160 0.93 -17.86 11.47
C ASN A 160 -0.42 -18.00 12.19
N SER A 161 -1.48 -18.35 11.48
CA SER A 161 -2.81 -18.50 12.08
C SER A 161 -3.76 -19.37 11.24
N GLY A 162 -4.92 -19.68 11.83
CA GLY A 162 -6.01 -20.35 11.12
C GLY A 162 -7.04 -19.40 10.51
N SER A 163 -6.59 -18.26 9.99
CA SER A 163 -7.49 -17.20 9.50
C SER A 163 -8.47 -17.70 8.43
N LEU A 164 -9.67 -17.12 8.43
CA LEU A 164 -10.74 -17.48 7.51
C LEU A 164 -10.69 -16.60 6.25
N SER A 165 -11.60 -16.85 5.31
CA SER A 165 -11.66 -16.07 4.07
C SER A 165 -11.89 -14.58 4.38
N SER A 166 -11.07 -13.72 3.76
CA SER A 166 -11.04 -12.27 4.03
C SER A 166 -10.79 -11.94 5.51
N GLY A 167 -10.00 -12.80 6.16
CA GLY A 167 -9.78 -12.76 7.59
C GLY A 167 -8.49 -12.10 8.04
N VAL A 168 -7.65 -11.65 7.11
CA VAL A 168 -6.39 -10.95 7.43
C VAL A 168 -6.39 -9.55 6.83
N HIS A 169 -6.21 -8.54 7.68
CA HIS A 169 -6.16 -7.15 7.23
C HIS A 169 -4.94 -6.48 7.84
N THR A 170 -4.04 -5.98 6.99
CA THR A 170 -2.87 -5.24 7.45
C THR A 170 -3.04 -3.83 6.94
N PHE A 171 -3.06 -2.89 7.89
CA PHE A 171 -3.47 -1.52 7.58
C PHE A 171 -2.25 -0.71 7.15
N PRO A 172 -2.38 0.15 6.12
CA PRO A 172 -1.28 1.06 5.79
C PRO A 172 -0.81 1.86 7.01
N ALA A 173 0.49 2.08 7.11
CA ALA A 173 1.08 2.78 8.25
C ALA A 173 0.66 4.22 8.23
N VAL A 174 0.58 4.82 9.42
CA VAL A 174 0.37 6.26 9.57
C VAL A 174 1.56 6.88 10.28
N LEU A 175 2.12 7.93 9.68
CA LEU A 175 3.22 8.68 10.27
C LEU A 175 2.72 9.66 11.32
N GLN A 176 3.44 9.75 12.44
CA GLN A 176 3.21 10.80 13.45
C GLN A 176 4.50 11.09 14.20
N SER A 177 5.00 12.32 14.11
CA SER A 177 6.19 12.74 14.87
C SER A 177 7.39 11.83 14.59
N ASP A 178 7.65 11.65 13.29
CA ASP A 178 8.81 10.86 12.81
C ASP A 178 8.78 9.36 13.17
N LEU A 179 7.61 8.84 13.54
CA LEU A 179 7.46 7.43 13.87
C LEU A 179 6.16 6.91 13.28
N TYR A 180 6.21 5.68 12.78
CA TYR A 180 5.04 5.08 12.14
C TYR A 180 4.32 4.16 13.12
N THR A 181 3.00 4.10 12.95
CA THR A 181 2.12 3.12 13.58
C THR A 181 1.41 2.33 12.50
N LEU A 182 1.45 1.01 12.63
CA LEU A 182 0.78 0.11 11.71
C LEU A 182 0.07 -0.90 12.56
N SER A 183 -1.02 -1.48 12.04
CA SER A 183 -1.66 -2.59 12.73
C SER A 183 -2.08 -3.65 11.74
N SER A 184 -2.35 -4.83 12.26
CA SER A 184 -2.84 -5.92 11.45
C SER A 184 -3.77 -6.79 12.29
N SER A 185 -4.91 -7.19 11.70
CA SER A 185 -5.89 -8.05 12.36
C SER A 185 -5.99 -9.41 11.66
N VAL A 186 -6.26 -10.43 12.46
CA VAL A 186 -6.54 -11.76 11.97
C VAL A 186 -7.79 -12.31 12.70
N THR A 187 -8.69 -12.93 11.95
CA THR A 187 -9.93 -13.48 12.49
C THR A 187 -9.87 -15.00 12.31
N VAL A 188 -9.94 -15.72 13.44
CA VAL A 188 -9.72 -17.18 13.44
C VAL A 188 -10.88 -17.87 14.17
N PRO A 189 -11.14 -19.15 13.86
CA PRO A 189 -12.19 -19.83 14.62
C PRO A 189 -11.78 -19.92 16.10
N SER A 190 -12.76 -19.74 17.00
CA SER A 190 -12.49 -19.70 18.45
C SER A 190 -12.00 -21.03 19.06
N SER A 191 -12.20 -22.13 18.34
CA SER A 191 -11.63 -23.43 18.71
C SER A 191 -10.11 -23.55 18.40
N THR A 192 -9.59 -22.69 17.53
CA THR A 192 -8.16 -22.68 17.19
C THR A 192 -7.31 -21.81 18.14
N TRP A 193 -7.91 -20.89 18.88
CA TRP A 193 -7.14 -19.99 19.76
C TRP A 193 -7.90 -19.79 21.06
N PRO A 194 -7.25 -19.82 22.24
CA PRO A 194 -5.79 -19.88 22.40
C PRO A 194 -5.15 -21.27 22.25
N SER A 195 -5.94 -22.28 21.85
CA SER A 195 -5.46 -23.64 21.63
C SER A 195 -4.17 -23.71 20.78
N GLU A 196 -4.28 -23.35 19.51
CA GLU A 196 -3.14 -23.33 18.59
C GLU A 196 -2.45 -21.98 18.68
N THR A 197 -1.12 -21.96 18.53
CA THR A 197 -0.32 -20.73 18.66
C THR A 197 -0.54 -19.83 17.45
N VAL A 198 -0.83 -18.55 17.72
CA VAL A 198 -0.95 -17.54 16.69
C VAL A 198 0.16 -16.53 16.93
N THR A 199 0.90 -16.21 15.85
CA THR A 199 2.08 -15.35 15.90
C THR A 199 2.05 -14.32 14.78
N CYS A 200 2.38 -13.08 15.12
N CYS A 200 2.30 -13.05 15.09
CA CYS A 200 2.50 -11.96 14.18
CA CYS A 200 2.51 -12.07 14.04
C CYS A 200 4.00 -11.77 13.91
C CYS A 200 4.01 -11.87 13.89
N ASN A 201 4.43 -11.93 12.64
CA ASN A 201 5.85 -11.83 12.25
C ASN A 201 6.03 -10.56 11.49
N VAL A 202 6.82 -9.66 12.07
CA VAL A 202 7.05 -8.33 11.54
C VAL A 202 8.50 -8.21 11.09
N ALA A 203 8.73 -7.70 9.90
CA ALA A 203 10.09 -7.39 9.44
C ALA A 203 10.21 -5.92 9.17
N HIS A 204 11.36 -5.33 9.53
CA HIS A 204 11.66 -3.93 9.24
C HIS A 204 13.03 -3.88 8.57
N PRO A 205 13.08 -4.05 7.24
CA PRO A 205 14.38 -4.16 6.55
C PRO A 205 15.31 -2.96 6.74
N ALA A 206 14.77 -1.75 6.88
CA ALA A 206 15.64 -0.56 7.02
C ALA A 206 16.52 -0.59 8.28
N SER A 207 16.08 -1.25 9.34
CA SER A 207 16.91 -1.40 10.55
C SER A 207 17.49 -2.82 10.69
N SER A 208 17.25 -3.68 9.71
CA SER A 208 17.71 -5.05 9.74
C SER A 208 17.19 -5.81 11.00
N THR A 209 15.92 -5.58 11.34
CA THR A 209 15.27 -6.25 12.47
C THR A 209 14.00 -7.01 12.06
N LYS A 210 13.66 -8.00 12.86
CA LYS A 210 12.36 -8.68 12.80
C LYS A 210 11.82 -8.84 14.22
N VAL A 211 10.53 -9.20 14.30
CA VAL A 211 9.87 -9.51 15.57
C VAL A 211 8.86 -10.65 15.35
N ASP A 212 8.95 -11.69 16.19
CA ASP A 212 8.02 -12.80 16.16
C ASP A 212 7.16 -12.73 17.45
N LYS A 213 6.00 -12.07 17.37
CA LYS A 213 5.17 -11.82 18.56
C LYS A 213 4.01 -12.81 18.66
N LYS A 214 4.00 -13.61 19.73
CA LYS A 214 2.92 -14.57 19.99
C LYS A 214 1.74 -13.87 20.65
N ILE A 215 0.52 -14.18 20.20
CA ILE A 215 -0.69 -13.57 20.78
C ILE A 215 -1.14 -14.45 21.93
N VAL A 216 -0.80 -14.03 23.15
CA VAL A 216 -1.15 -14.79 24.36
C VAL A 216 -2.45 -14.24 24.94
N PRO A 217 -3.34 -15.13 25.44
CA PRO A 217 -4.54 -14.59 26.10
C PRO A 217 -4.17 -13.87 27.38
N ARG A 218 -4.98 -12.85 27.71
CA ARG A 218 -4.78 -12.04 28.91
C ARG A 218 -5.18 -12.84 30.15
N ASP A 219 -4.33 -12.81 31.17
CA ASP A 219 -4.43 -13.72 32.32
C ASP A 219 -5.16 -13.07 33.51
N ASP B 1 7.02 16.70 -21.98
CA ASP B 1 6.20 15.99 -20.95
C ASP B 1 4.74 16.25 -21.29
N ILE B 2 4.25 15.45 -22.24
CA ILE B 2 2.88 15.52 -22.74
C ILE B 2 1.93 15.10 -21.61
N VAL B 3 1.00 15.96 -21.26
CA VAL B 3 0.04 15.72 -20.18
C VAL B 3 -0.98 14.71 -20.69
N LEU B 4 -1.25 13.71 -19.85
CA LEU B 4 -2.30 12.72 -20.08
C LEU B 4 -3.32 12.84 -18.95
N THR B 5 -4.57 13.08 -19.31
CA THR B 5 -5.64 13.24 -18.35
C THR B 5 -6.52 12.02 -18.45
N GLN B 6 -6.69 11.36 -17.32
CA GLN B 6 -7.51 10.17 -17.23
C GLN B 6 -8.83 10.50 -16.58
N THR B 7 -9.91 9.99 -17.17
CA THR B 7 -11.25 10.18 -16.61
C THR B 7 -12.07 8.90 -16.74
N PRO B 8 -12.92 8.61 -15.75
CA PRO B 8 -13.02 9.35 -14.48
C PRO B 8 -11.82 9.05 -13.60
N ALA B 9 -11.55 9.88 -12.61
CA ALA B 9 -10.47 9.62 -11.64
C ALA B 9 -10.81 8.44 -10.75
N ILE B 10 -12.06 8.36 -10.32
CA ILE B 10 -12.55 7.28 -9.47
C ILE B 10 -13.90 6.84 -10.06
N MET B 11 -14.14 5.53 -10.09
CA MET B 11 -15.45 4.99 -10.47
CA MET B 11 -15.43 4.97 -10.50
C MET B 11 -15.64 3.61 -9.84
N SER B 12 -16.91 3.20 -9.71
CA SER B 12 -17.30 1.89 -9.18
C SER B 12 -18.15 1.17 -10.23
N ALA B 13 -18.08 -0.15 -10.24
CA ALA B 13 -18.93 -0.98 -11.12
C ALA B 13 -19.33 -2.26 -10.40
N SER B 14 -20.57 -2.70 -10.58
CA SER B 14 -20.98 -4.02 -10.10
C SER B 14 -20.43 -5.09 -11.01
N LEU B 15 -20.34 -6.32 -10.49
CA LEU B 15 -19.92 -7.47 -11.27
C LEU B 15 -20.78 -7.66 -12.52
N GLY B 16 -20.10 -7.96 -13.63
CA GLY B 16 -20.76 -8.19 -14.91
C GLY B 16 -21.05 -6.96 -15.76
N GLU B 17 -20.88 -5.77 -15.21
CA GLU B 17 -21.14 -4.53 -15.92
C GLU B 17 -19.96 -4.13 -16.80
N ARG B 18 -20.28 -3.45 -17.89
CA ARG B 18 -19.28 -2.93 -18.81
C ARG B 18 -18.67 -1.66 -18.21
N VAL B 19 -17.34 -1.53 -18.32
CA VAL B 19 -16.58 -0.38 -17.82
C VAL B 19 -15.71 0.18 -18.96
N THR B 20 -15.75 1.50 -19.17
CA THR B 20 -14.86 2.21 -20.12
C THR B 20 -14.23 3.38 -19.40
N MET B 21 -12.92 3.51 -19.55
CA MET B 21 -12.18 4.62 -18.99
C MET B 21 -11.36 5.23 -20.12
N THR B 22 -11.10 6.52 -20.02
CA THR B 22 -10.48 7.26 -21.11
C THR B 22 -9.21 7.95 -20.64
N CYS B 23 -8.35 8.23 -21.60
CA CYS B 23 -7.12 8.97 -21.36
C CYS B 23 -7.02 9.91 -22.54
N THR B 24 -6.92 11.20 -22.23
CA THR B 24 -6.87 12.26 -23.24
C THR B 24 -5.50 12.95 -23.17
N ALA B 25 -4.79 12.98 -24.28
CA ALA B 25 -3.46 13.61 -24.34
C ALA B 25 -3.59 15.06 -24.81
N ASN B 26 -2.73 15.92 -24.29
CA ASN B 26 -2.68 17.33 -24.71
C ASN B 26 -2.04 17.50 -26.10
N SER B 27 -1.43 16.46 -26.64
CA SER B 27 -0.84 16.48 -27.96
C SER B 27 -1.09 15.15 -28.62
N SER B 28 -0.99 15.10 -29.95
CA SER B 28 -1.20 13.82 -30.64
C SER B 28 -0.03 12.86 -30.33
N VAL B 29 -0.38 11.59 -30.10
CA VAL B 29 0.62 10.54 -29.85
C VAL B 29 0.30 9.32 -30.71
N SER B 30 1.33 8.74 -31.31
CA SER B 30 1.19 7.55 -32.15
C SER B 30 0.62 6.41 -31.34
N SER B 31 -0.37 5.73 -31.92
CA SER B 31 -1.00 4.58 -31.27
C SER B 31 -0.03 3.41 -31.04
N ASN B 32 1.06 3.31 -31.81
CA ASN B 32 2.05 2.25 -31.58
CA ASN B 32 2.06 2.27 -31.58
C ASN B 32 2.82 2.45 -30.26
N TYR B 33 2.87 3.68 -29.75
CA TYR B 33 3.57 4.01 -28.50
C TYR B 33 2.64 4.51 -27.40
N PHE B 34 1.46 3.89 -27.31
CA PHE B 34 0.50 4.15 -26.25
C PHE B 34 0.19 2.84 -25.55
N HIS B 35 0.36 2.83 -24.22
CA HIS B 35 0.26 1.62 -23.41
C HIS B 35 -0.56 1.86 -22.17
N TRP B 36 -1.10 0.78 -21.60
CA TRP B 36 -1.79 0.81 -20.31
C TRP B 36 -1.16 -0.14 -19.28
N TYR B 37 -1.24 0.27 -18.01
CA TYR B 37 -0.73 -0.50 -16.86
C TYR B 37 -1.83 -0.63 -15.81
N GLN B 38 -1.79 -1.74 -15.08
CA GLN B 38 -2.64 -1.95 -13.93
C GLN B 38 -1.75 -1.97 -12.70
N GLN B 39 -2.17 -1.32 -11.63
CA GLN B 39 -1.46 -1.37 -10.36
C GLN B 39 -2.42 -1.59 -9.20
N LYS B 40 -2.10 -2.58 -8.37
CA LYS B 40 -2.81 -2.83 -7.13
C LYS B 40 -1.99 -2.28 -5.95
N PRO B 41 -2.68 -1.89 -4.85
CA PRO B 41 -2.01 -1.31 -3.66
C PRO B 41 -0.85 -2.17 -3.18
N GLY B 42 0.31 -1.55 -3.00
CA GLY B 42 1.49 -2.24 -2.47
C GLY B 42 2.28 -3.05 -3.49
N SER B 43 1.91 -2.99 -4.76
CA SER B 43 2.55 -3.82 -5.79
C SER B 43 3.08 -2.94 -6.90
N SER B 44 4.01 -3.48 -7.69
CA SER B 44 4.50 -2.79 -8.87
C SER B 44 3.42 -2.74 -9.96
N PRO B 45 3.48 -1.74 -10.84
CA PRO B 45 2.62 -1.77 -12.01
C PRO B 45 2.88 -3.01 -12.91
N LYS B 46 1.85 -3.41 -13.65
CA LYS B 46 1.94 -4.52 -14.60
C LYS B 46 1.55 -4.02 -15.96
N LEU B 47 2.33 -4.37 -16.99
CA LEU B 47 1.94 -4.05 -18.36
C LEU B 47 0.63 -4.76 -18.66
N TRP B 48 -0.35 -3.99 -19.13
CA TRP B 48 -1.69 -4.48 -19.31
C TRP B 48 -2.05 -4.52 -20.79
N ILE B 49 -1.88 -3.38 -21.47
CA ILE B 49 -2.13 -3.25 -22.91
C ILE B 49 -0.93 -2.53 -23.56
N TYR B 50 -0.45 -3.07 -24.68
CA TYR B 50 0.65 -2.42 -25.40
C TYR B 50 0.22 -2.07 -26.80
N SER B 51 0.83 -1.03 -27.33
CA SER B 51 0.46 -0.41 -28.60
C SER B 51 -1.05 -0.33 -28.81
N THR B 52 -1.71 0.35 -27.88
CA THR B 52 -3.13 0.72 -27.93
C THR B 52 -4.12 -0.41 -27.69
N SER B 53 -3.94 -1.55 -28.35
CA SER B 53 -4.95 -2.61 -28.36
C SER B 53 -4.42 -4.03 -28.23
N ASN B 54 -3.13 -4.24 -27.97
CA ASN B 54 -2.62 -5.61 -27.82
C ASN B 54 -2.52 -5.97 -26.33
N LEU B 55 -3.14 -7.07 -25.93
CA LEU B 55 -3.13 -7.50 -24.53
C LEU B 55 -1.80 -8.10 -24.17
N ALA B 56 -1.24 -7.73 -23.02
CA ALA B 56 -0.04 -8.37 -22.51
C ALA B 56 -0.32 -9.81 -22.12
N SER B 57 0.76 -10.60 -22.03
CA SER B 57 0.70 -11.99 -21.60
C SER B 57 -0.08 -12.12 -20.28
N GLY B 58 -1.09 -12.98 -20.25
CA GLY B 58 -1.84 -13.26 -19.03
C GLY B 58 -3.01 -12.33 -18.74
N VAL B 59 -3.19 -11.28 -19.53
CA VAL B 59 -4.26 -10.32 -19.28
C VAL B 59 -5.58 -10.90 -19.78
N PRO B 60 -6.61 -10.95 -18.92
CA PRO B 60 -7.91 -11.54 -19.35
C PRO B 60 -8.49 -10.91 -20.62
N THR B 61 -9.14 -11.72 -21.45
CA THR B 61 -9.70 -11.27 -22.73
C THR B 61 -10.89 -10.30 -22.61
N ARG B 62 -11.47 -10.17 -21.42
CA ARG B 62 -12.52 -9.15 -21.20
C ARG B 62 -12.01 -7.71 -21.34
N PHE B 63 -10.69 -7.49 -21.31
CA PHE B 63 -10.09 -6.19 -21.55
C PHE B 63 -9.83 -5.93 -23.03
N SER B 64 -10.00 -4.68 -23.43
CA SER B 64 -9.56 -4.23 -24.73
C SER B 64 -9.16 -2.76 -24.64
N GLY B 65 -8.49 -2.30 -25.68
CA GLY B 65 -8.07 -0.92 -25.78
C GLY B 65 -8.27 -0.43 -27.19
N SER B 66 -8.53 0.87 -27.30
N SER B 66 -8.47 0.87 -27.31
CA SER B 66 -8.82 1.53 -28.58
CA SER B 66 -8.65 1.50 -28.61
C SER B 66 -8.25 2.95 -28.52
C SER B 66 -8.23 2.94 -28.53
N GLY B 67 -8.13 3.59 -29.68
CA GLY B 67 -7.76 4.99 -29.77
C GLY B 67 -6.74 5.32 -30.82
N SER B 68 -6.53 6.62 -30.97
CA SER B 68 -5.58 7.21 -31.89
C SER B 68 -5.56 8.72 -31.61
N GLY B 69 -4.59 9.41 -32.20
CA GLY B 69 -4.50 10.86 -32.03
C GLY B 69 -4.27 11.24 -30.57
N THR B 70 -5.30 11.82 -29.94
CA THR B 70 -5.23 12.22 -28.54
C THR B 70 -6.18 11.45 -27.61
N SER B 71 -7.02 10.57 -28.14
CA SER B 71 -8.09 9.97 -27.36
C SER B 71 -7.96 8.47 -27.33
N TYR B 72 -7.81 7.91 -26.13
CA TYR B 72 -7.58 6.50 -25.97
C TYR B 72 -8.51 6.00 -24.91
N SER B 73 -8.85 4.72 -24.97
CA SER B 73 -9.75 4.14 -23.99
C SER B 73 -9.36 2.71 -23.67
N LEU B 74 -9.60 2.32 -22.43
CA LEU B 74 -9.52 0.92 -22.01
C LEU B 74 -10.94 0.49 -21.60
N THR B 75 -11.41 -0.61 -22.19
CA THR B 75 -12.74 -1.14 -21.94
C THR B 75 -12.64 -2.54 -21.34
N LEU B 76 -13.52 -2.77 -20.37
CA LEU B 76 -13.64 -4.05 -19.68
C LEU B 76 -15.10 -4.47 -19.93
N SER B 77 -15.27 -5.57 -20.66
CA SER B 77 -16.61 -6.00 -21.09
C SER B 77 -17.50 -6.47 -19.93
N SER B 78 -16.88 -7.00 -18.88
CA SER B 78 -17.59 -7.57 -17.76
C SER B 78 -16.74 -7.38 -16.49
N MET B 79 -17.18 -6.48 -15.60
CA MET B 79 -16.43 -6.18 -14.38
C MET B 79 -16.35 -7.43 -13.52
N GLU B 80 -15.13 -7.77 -13.09
CA GLU B 80 -14.84 -8.92 -12.23
CA GLU B 80 -14.94 -8.87 -12.17
C GLU B 80 -14.10 -8.41 -10.98
N ALA B 81 -14.19 -9.15 -9.87
CA ALA B 81 -13.57 -8.73 -8.61
C ALA B 81 -12.07 -8.41 -8.67
N GLU B 82 -11.31 -9.19 -9.45
CA GLU B 82 -9.85 -9.02 -9.57
CA GLU B 82 -9.85 -8.98 -9.53
C GLU B 82 -9.45 -7.80 -10.43
N ASP B 83 -10.44 -7.16 -11.06
CA ASP B 83 -10.22 -5.98 -11.89
C ASP B 83 -10.19 -4.65 -11.10
N ALA B 84 -10.57 -4.67 -9.83
CA ALA B 84 -10.48 -3.47 -8.98
C ALA B 84 -9.01 -3.13 -8.79
N ALA B 85 -8.62 -1.95 -9.23
CA ALA B 85 -7.23 -1.54 -9.32
C ALA B 85 -7.19 -0.14 -9.87
N THR B 86 -5.98 0.43 -9.91
CA THR B 86 -5.73 1.66 -10.61
C THR B 86 -5.14 1.32 -11.97
N TYR B 87 -5.63 2.01 -13.00
CA TYR B 87 -5.16 1.84 -14.35
C TYR B 87 -4.50 3.13 -14.80
N TYR B 88 -3.33 3.00 -15.43
CA TYR B 88 -2.56 4.15 -15.91
C TYR B 88 -2.33 4.03 -17.42
N CYS B 89 -2.52 5.13 -18.13
CA CYS B 89 -2.07 5.24 -19.51
C CYS B 89 -0.63 5.76 -19.58
N HIS B 90 0.02 5.54 -20.73
CA HIS B 90 1.44 5.86 -20.95
C HIS B 90 1.65 6.18 -22.42
N GLN B 91 2.29 7.31 -22.68
CA GLN B 91 2.73 7.65 -24.05
C GLN B 91 4.24 7.69 -24.08
N TYR B 92 4.81 7.13 -25.16
CA TYR B 92 6.21 7.30 -25.47
C TYR B 92 6.39 7.79 -26.91
N HIS B 93 5.50 8.69 -27.32
CA HIS B 93 5.63 9.37 -28.59
C HIS B 93 6.87 10.26 -28.58
N ARG B 94 7.14 10.90 -27.44
CA ARG B 94 8.28 11.79 -27.27
C ARG B 94 8.89 11.58 -25.90
N SER B 95 10.16 11.98 -25.79
CA SER B 95 10.86 12.01 -24.51
C SER B 95 10.62 13.35 -23.83
N PRO B 96 10.31 13.41 -22.52
CA PRO B 96 10.21 12.27 -21.64
C PRO B 96 8.87 11.53 -21.81
N PRO B 97 8.87 10.20 -21.68
CA PRO B 97 7.57 9.52 -21.61
C PRO B 97 6.79 9.98 -20.38
N THR B 98 5.46 9.97 -20.47
CA THR B 98 4.58 10.41 -19.41
C THR B 98 3.45 9.43 -19.21
N PHE B 99 2.86 9.51 -18.03
CA PHE B 99 1.84 8.59 -17.56
C PHE B 99 0.65 9.40 -17.07
N GLY B 100 -0.53 8.77 -17.07
CA GLY B 100 -1.75 9.40 -16.57
C GLY B 100 -1.80 9.47 -15.06
N SER B 101 -2.73 10.26 -14.57
CA SER B 101 -2.99 10.40 -13.13
C SER B 101 -3.70 9.17 -12.59
N GLY B 102 -4.32 8.38 -13.46
CA GLY B 102 -4.93 7.11 -13.04
C GLY B 102 -6.45 7.16 -13.01
N THR B 103 -7.08 6.03 -13.30
CA THR B 103 -8.46 5.78 -12.97
C THR B 103 -8.46 4.68 -11.94
N LYS B 104 -8.97 4.96 -10.74
CA LYS B 104 -9.13 3.94 -9.72
C LYS B 104 -10.49 3.31 -9.94
N LEU B 105 -10.50 2.04 -10.32
CA LEU B 105 -11.76 1.30 -10.56
C LEU B 105 -12.04 0.47 -9.34
N LYS B 106 -13.20 0.71 -8.71
CA LYS B 106 -13.64 -0.03 -7.54
C LYS B 106 -14.81 -0.95 -7.85
N MET B 107 -15.02 -1.92 -6.99
CA MET B 107 -16.11 -2.87 -7.14
C MET B 107 -17.26 -2.45 -6.22
N LYS B 108 -18.44 -2.23 -6.81
CA LYS B 108 -19.69 -2.10 -6.06
C LYS B 108 -20.08 -3.46 -5.56
N ARG B 109 -20.59 -3.51 -4.35
CA ARG B 109 -21.10 -4.75 -3.77
C ARG B 109 -22.21 -4.43 -2.77
N ALA B 110 -22.80 -5.44 -2.17
CA ALA B 110 -23.87 -5.25 -1.21
C ALA B 110 -23.33 -4.60 0.06
N ASP B 111 -24.19 -3.83 0.72
CA ASP B 111 -23.86 -3.22 2.01
C ASP B 111 -23.48 -4.31 3.02
N ALA B 112 -22.45 -4.04 3.82
CA ALA B 112 -22.05 -4.95 4.90
C ALA B 112 -21.74 -4.12 6.13
N ALA B 113 -22.30 -4.53 7.28
CA ALA B 113 -22.03 -3.86 8.56
C ALA B 113 -20.61 -4.18 9.05
N PRO B 114 -19.94 -3.22 9.70
CA PRO B 114 -18.64 -3.56 10.31
C PRO B 114 -18.76 -4.49 11.49
N THR B 115 -17.82 -5.44 11.60
CA THR B 115 -17.64 -6.26 12.80
C THR B 115 -16.59 -5.56 13.67
N VAL B 116 -16.97 -5.13 14.87
CA VAL B 116 -16.11 -4.29 15.70
C VAL B 116 -15.46 -5.11 16.82
N SER B 117 -14.16 -4.88 17.04
CA SER B 117 -13.36 -5.57 18.05
C SER B 117 -12.47 -4.53 18.71
N ILE B 118 -12.43 -4.53 20.05
CA ILE B 118 -11.61 -3.60 20.83
C ILE B 118 -10.55 -4.39 21.63
N PHE B 119 -9.36 -3.79 21.80
CA PHE B 119 -8.23 -4.41 22.49
C PHE B 119 -7.55 -3.43 23.44
N PRO B 120 -7.32 -3.85 24.70
CA PRO B 120 -6.62 -2.99 25.63
C PRO B 120 -5.14 -2.95 25.35
N PRO B 121 -4.41 -2.03 25.99
CA PRO B 121 -2.96 -2.05 25.90
C PRO B 121 -2.38 -3.37 26.39
N SER B 122 -1.38 -3.86 25.69
CA SER B 122 -0.64 -5.04 26.13
C SER B 122 0.14 -4.71 27.42
N SER B 123 0.42 -5.72 28.24
CA SER B 123 1.32 -5.52 29.39
C SER B 123 2.68 -5.06 28.90
N GLU B 124 3.12 -5.61 27.76
CA GLU B 124 4.38 -5.19 27.14
C GLU B 124 4.43 -3.68 26.82
N GLN B 125 3.39 -3.13 26.18
CA GLN B 125 3.39 -1.69 25.91
C GLN B 125 3.40 -0.84 27.19
N LEU B 126 2.67 -1.29 28.20
CA LEU B 126 2.59 -0.56 29.46
C LEU B 126 3.95 -0.34 30.17
N THR B 127 4.96 -1.15 29.86
CA THR B 127 6.31 -0.93 30.38
C THR B 127 7.05 0.23 29.68
N SER B 128 6.63 0.56 28.46
CA SER B 128 7.19 1.68 27.68
C SER B 128 6.76 3.08 28.13
N GLY B 129 5.75 3.17 29.00
CA GLY B 129 5.18 4.47 29.39
C GLY B 129 4.08 5.01 28.48
N GLY B 130 3.68 4.21 27.49
CA GLY B 130 2.57 4.53 26.60
C GLY B 130 1.51 3.47 26.77
N ALA B 131 0.31 3.76 26.26
CA ALA B 131 -0.78 2.80 26.28
C ALA B 131 -1.65 3.07 25.07
N SER B 132 -1.87 2.05 24.25
CA SER B 132 -2.69 2.16 23.08
C SER B 132 -3.93 1.29 23.25
N VAL B 133 -5.09 1.81 22.88
CA VAL B 133 -6.31 1.01 22.78
C VAL B 133 -6.61 0.93 21.29
N VAL B 134 -6.87 -0.28 20.79
CA VAL B 134 -7.04 -0.51 19.34
C VAL B 134 -8.44 -0.97 19.08
N CYS B 135 -9.03 -0.43 18.02
N CYS B 135 -9.04 -0.44 18.02
CA CYS B 135 -10.33 -0.82 17.53
CA CYS B 135 -10.35 -0.88 17.58
C CYS B 135 -10.19 -1.26 16.07
C CYS B 135 -10.27 -1.24 16.09
N PHE B 136 -10.65 -2.47 15.75
CA PHE B 136 -10.76 -2.91 14.37
C PHE B 136 -12.24 -2.88 13.99
N LEU B 137 -12.48 -2.43 12.77
CA LEU B 137 -13.80 -2.33 12.19
C LEU B 137 -13.68 -3.01 10.83
N ASN B 138 -14.07 -4.28 10.81
CA ASN B 138 -13.68 -5.18 9.74
C ASN B 138 -14.85 -5.57 8.85
N ASN B 139 -14.56 -5.57 7.54
CA ASN B 139 -15.39 -6.18 6.48
C ASN B 139 -16.74 -5.47 6.29
N PHE B 140 -16.68 -4.16 6.07
CA PHE B 140 -17.84 -3.31 5.89
C PHE B 140 -17.89 -2.72 4.48
N TYR B 141 -19.08 -2.29 4.06
CA TYR B 141 -19.28 -1.62 2.78
C TYR B 141 -20.60 -0.82 2.84
N PRO B 142 -20.66 0.43 2.36
CA PRO B 142 -19.57 1.16 1.70
C PRO B 142 -18.46 1.68 2.63
N LYS B 143 -17.47 2.33 2.01
CA LYS B 143 -16.27 2.80 2.71
CA LYS B 143 -16.28 2.79 2.73
C LYS B 143 -16.58 3.87 3.77
N ASP B 144 -17.68 4.60 3.58
CA ASP B 144 -18.00 5.73 4.47
C ASP B 144 -18.30 5.27 5.88
N ILE B 145 -17.49 5.71 6.83
CA ILE B 145 -17.69 5.34 8.22
C ILE B 145 -17.12 6.42 9.14
N ASN B 146 -17.74 6.58 10.31
CA ASN B 146 -17.30 7.53 11.32
CA ASN B 146 -17.31 7.55 11.31
C ASN B 146 -17.03 6.78 12.61
N VAL B 147 -15.85 7.01 13.20
CA VAL B 147 -15.48 6.37 14.45
C VAL B 147 -15.31 7.43 15.54
N LYS B 148 -15.90 7.16 16.71
CA LYS B 148 -15.79 8.02 17.91
C LYS B 148 -15.22 7.22 19.04
N TRP B 149 -14.34 7.84 19.82
CA TRP B 149 -13.83 7.22 21.05
C TRP B 149 -14.44 7.90 22.26
N LYS B 150 -14.90 7.11 23.22
CA LYS B 150 -15.39 7.64 24.48
C LYS B 150 -14.56 7.11 25.62
N ILE B 151 -14.17 7.99 26.53
CA ILE B 151 -13.47 7.59 27.73
C ILE B 151 -14.37 7.98 28.90
N ASP B 152 -14.82 7.00 29.68
CA ASP B 152 -15.85 7.22 30.72
C ASP B 152 -16.94 8.19 30.27
N GLY B 153 -17.47 7.95 29.08
CA GLY B 153 -18.59 8.71 28.56
C GLY B 153 -18.30 9.99 27.80
N SER B 154 -17.07 10.52 27.88
CA SER B 154 -16.72 11.79 27.18
C SER B 154 -15.92 11.49 25.95
N GLU B 155 -16.20 12.21 24.87
CA GLU B 155 -15.52 11.96 23.63
C GLU B 155 -14.02 12.30 23.79
N ARG B 156 -13.17 11.44 23.23
CA ARG B 156 -11.74 11.69 23.12
C ARG B 156 -11.44 11.82 21.63
N GLN B 157 -10.78 12.91 21.26
CA GLN B 157 -10.38 13.18 19.89
C GLN B 157 -8.86 13.17 19.64
N ASN B 158 -8.07 13.51 20.65
CA ASN B 158 -6.61 13.58 20.50
C ASN B 158 -5.96 12.21 20.71
N GLY B 159 -4.94 11.93 19.90
CA GLY B 159 -4.16 10.68 20.00
C GLY B 159 -4.76 9.51 19.24
N VAL B 160 -5.61 9.81 18.26
CA VAL B 160 -6.32 8.79 17.48
C VAL B 160 -5.74 8.67 16.07
N LEU B 161 -5.18 7.49 15.74
CA LEU B 161 -4.71 7.18 14.39
C LEU B 161 -5.60 6.17 13.67
N ASN B 162 -6.14 6.59 12.53
CA ASN B 162 -7.05 5.77 11.74
C ASN B 162 -6.41 5.38 10.43
N SER B 163 -6.61 4.12 10.02
CA SER B 163 -6.11 3.64 8.75
C SER B 163 -7.12 2.67 8.14
N TRP B 164 -7.21 2.70 6.80
CA TRP B 164 -8.19 1.92 6.04
C TRP B 164 -7.46 1.01 5.09
N THR B 165 -7.91 -0.24 4.93
CA THR B 165 -7.41 -1.07 3.84
C THR B 165 -8.15 -0.69 2.56
N ASP B 166 -7.58 -1.05 1.42
CA ASP B 166 -8.36 -0.99 0.18
C ASP B 166 -9.21 -2.26 0.09
N GLN B 167 -10.03 -2.38 -0.94
CA GLN B 167 -11.01 -3.46 -1.02
C GLN B 167 -10.35 -4.82 -0.94
N ASP B 168 -10.87 -5.67 -0.05
CA ASP B 168 -10.35 -7.01 0.13
C ASP B 168 -10.44 -7.78 -1.19
N SER B 169 -9.38 -8.49 -1.54
CA SER B 169 -9.32 -9.25 -2.82
C SER B 169 -10.48 -10.21 -3.04
N LYS B 170 -10.97 -10.81 -1.94
CA LYS B 170 -11.97 -11.85 -2.01
C LYS B 170 -13.42 -11.32 -1.87
N ASP B 171 -13.75 -10.62 -0.78
CA ASP B 171 -15.13 -10.14 -0.53
C ASP B 171 -15.38 -8.66 -0.88
N SER B 172 -14.32 -7.94 -1.27
CA SER B 172 -14.39 -6.54 -1.71
C SER B 172 -14.88 -5.52 -0.66
N THR B 173 -14.80 -5.89 0.61
CA THR B 173 -15.12 -4.99 1.70
C THR B 173 -13.89 -4.19 2.12
N TYR B 174 -14.17 -3.15 2.88
CA TYR B 174 -13.15 -2.34 3.50
C TYR B 174 -12.99 -2.79 4.93
N SER B 175 -11.82 -2.48 5.48
CA SER B 175 -11.61 -2.57 6.92
C SER B 175 -10.90 -1.32 7.39
N MET B 176 -11.05 -1.04 8.68
CA MET B 176 -10.44 0.13 9.30
C MET B 176 -9.88 -0.22 10.68
N SER B 177 -8.76 0.40 11.02
CA SER B 177 -8.14 0.30 12.33
C SER B 177 -8.13 1.69 12.93
N SER B 178 -8.50 1.78 14.22
CA SER B 178 -8.43 3.03 14.96
C SER B 178 -7.66 2.80 16.24
N THR B 179 -6.54 3.51 16.39
CA THR B 179 -5.69 3.35 17.56
C THR B 179 -5.67 4.64 18.38
N LEU B 180 -6.18 4.55 19.62
CA LEU B 180 -6.06 5.64 20.61
C LEU B 180 -4.82 5.43 21.45
N THR B 181 -3.88 6.38 21.41
CA THR B 181 -2.64 6.28 22.21
C THR B 181 -2.59 7.41 23.22
N LEU B 182 -2.44 7.03 24.48
CA LEU B 182 -2.27 7.94 25.60
C LEU B 182 -0.95 7.61 26.29
N THR B 183 -0.53 8.49 27.19
CA THR B 183 0.52 8.17 28.15
C THR B 183 -0.05 7.13 29.10
N LYS B 184 0.81 6.30 29.69
CA LYS B 184 0.33 5.33 30.67
C LYS B 184 -0.37 5.99 31.85
N ASP B 185 0.12 7.15 32.29
CA ASP B 185 -0.49 7.85 33.43
C ASP B 185 -1.92 8.24 33.08
N GLU B 186 -2.10 8.80 31.89
CA GLU B 186 -3.42 9.23 31.45
C GLU B 186 -4.35 8.01 31.28
N TYR B 187 -3.83 6.94 30.68
CA TYR B 187 -4.58 5.69 30.53
C TYR B 187 -5.13 5.15 31.85
N GLU B 188 -4.31 5.18 32.90
CA GLU B 188 -4.73 4.65 34.19
C GLU B 188 -5.64 5.56 35.03
N ARG B 189 -5.93 6.77 34.55
CA ARG B 189 -6.92 7.66 35.20
C ARG B 189 -8.37 7.39 34.80
N HIS B 190 -8.63 6.47 33.87
CA HIS B 190 -9.99 6.23 33.38
C HIS B 190 -10.36 4.74 33.46
N ASN B 191 -11.66 4.46 33.52
CA ASN B 191 -12.14 3.07 33.59
C ASN B 191 -12.41 2.46 32.23
N SER B 192 -13.26 3.10 31.43
CA SER B 192 -13.80 2.43 30.24
C SER B 192 -13.43 3.19 28.98
N TYR B 193 -13.17 2.44 27.92
CA TYR B 193 -12.78 2.96 26.64
C TYR B 193 -13.71 2.31 25.63
N THR B 194 -14.39 3.14 24.85
CA THR B 194 -15.41 2.66 23.96
C THR B 194 -15.11 3.16 22.55
N CYS B 195 -15.16 2.24 21.60
N CYS B 195 -15.07 2.27 21.56
CA CYS B 195 -15.08 2.52 20.18
CA CYS B 195 -15.07 2.72 20.18
C CYS B 195 -16.50 2.46 19.60
C CYS B 195 -16.45 2.50 19.59
N GLU B 196 -16.96 3.55 18.95
CA GLU B 196 -18.31 3.62 18.42
C GLU B 196 -18.22 3.91 16.93
N ALA B 197 -18.81 3.02 16.11
CA ALA B 197 -18.86 3.19 14.65
C ALA B 197 -20.25 3.57 14.17
N THR B 198 -20.32 4.60 13.34
CA THR B 198 -21.55 4.96 12.67
C THR B 198 -21.38 4.61 11.20
N HIS B 199 -22.31 3.81 10.70
CA HIS B 199 -22.28 3.28 9.33
C HIS B 199 -23.71 3.19 8.83
N LYS B 200 -23.90 3.31 7.52
CA LYS B 200 -25.25 3.37 6.95
C LYS B 200 -26.09 2.10 7.18
N THR B 201 -25.44 0.98 7.47
CA THR B 201 -26.14 -0.29 7.70
C THR B 201 -26.89 -0.39 9.03
N SER B 202 -26.73 0.57 9.93
CA SER B 202 -27.41 0.57 11.23
C SER B 202 -27.73 2.01 11.64
N THR B 203 -28.96 2.21 12.11
CA THR B 203 -29.37 3.49 12.67
C THR B 203 -28.69 3.70 14.07
N SER B 204 -28.29 2.61 14.71
CA SER B 204 -27.54 2.67 15.97
C SER B 204 -26.05 2.45 15.73
N PRO B 205 -25.18 3.12 16.52
CA PRO B 205 -23.75 2.87 16.35
C PRO B 205 -23.43 1.41 16.64
N ILE B 206 -22.41 0.85 16.01
CA ILE B 206 -21.89 -0.47 16.38
C ILE B 206 -20.69 -0.20 17.28
N VAL B 207 -20.78 -0.67 18.53
CA VAL B 207 -19.83 -0.26 19.56
C VAL B 207 -19.20 -1.45 20.28
N LYS B 208 -18.00 -1.25 20.81
CA LYS B 208 -17.40 -2.17 21.79
C LYS B 208 -16.69 -1.38 22.87
N SER B 209 -16.69 -1.91 24.09
CA SER B 209 -16.04 -1.28 25.22
C SER B 209 -15.13 -2.24 25.93
N PHE B 210 -14.11 -1.66 26.57
CA PHE B 210 -13.20 -2.36 27.49
CA PHE B 210 -13.36 -2.42 27.54
C PHE B 210 -13.16 -1.56 28.79
N ASN B 211 -13.33 -2.19 29.95
CA ASN B 211 -13.09 -1.49 31.19
C ASN B 211 -11.98 -2.15 31.98
N ARG B 212 -11.20 -1.31 32.63
CA ARG B 212 -10.00 -1.74 33.35
C ARG B 212 -10.26 -2.66 34.54
N ASN B 213 -11.42 -2.51 35.18
CA ASN B 213 -11.81 -3.35 36.34
C ASN B 213 -12.20 -4.80 35.98
N GLU B 214 -12.48 -5.07 34.71
CA GLU B 214 -12.82 -6.42 34.24
C GLU B 214 -11.60 -7.23 33.75
N CYS B 215 -10.39 -6.68 33.90
CA CYS B 215 -9.19 -7.27 33.32
C CYS B 215 -7.92 -6.73 33.97
C1 NAG C . -3.45 20.00 -20.66
C2 NAG C . -3.09 21.39 -20.13
C3 NAG C . -3.91 21.73 -18.88
C4 NAG C . -5.39 21.51 -19.13
C5 NAG C . -5.65 20.08 -19.64
C6 NAG C . -7.12 19.85 -19.96
C7 NAG C . -0.76 22.26 -20.39
C8 NAG C . 0.62 22.26 -19.80
N2 NAG C . -1.68 21.52 -19.74
O3 NAG C . -3.69 23.10 -18.55
O4 NAG C . -6.14 21.77 -17.93
O5 NAG C . -4.88 19.87 -20.83
O6 NAG C . -7.56 20.82 -20.93
O7 NAG C . -1.00 22.90 -21.40
C1 FUC C . -8.46 20.29 -21.92
C2 FUC C . -9.05 21.41 -22.80
C3 FUC C . -7.96 22.04 -23.67
C4 FUC C . -7.26 20.95 -24.49
C5 FUC C . -6.77 19.84 -23.56
C6 FUC C . -6.14 18.68 -24.31
O2 FUC C . -9.68 22.42 -22.00
O3 FUC C . -8.52 23.05 -24.51
O4 FUC C . -8.15 20.43 -25.48
O5 FUC C . -7.88 19.32 -22.79
O1 PG4 D . -0.84 14.02 -14.54
C1 PG4 D . 0.08 12.91 -14.55
C2 PG4 D . 0.53 12.55 -13.14
O2 PG4 D . 1.94 12.24 -13.12
C3 PG4 D . 2.52 12.13 -11.82
C4 PG4 D . 3.87 12.80 -11.73
O3 PG4 D . 3.68 14.18 -11.42
C5 PG4 D . 4.86 14.95 -11.19
C6 PG4 D . 5.33 15.62 -12.46
O4 PG4 D . 4.42 16.65 -12.86
C7 PG4 D . 4.76 17.26 -14.11
C8 PG4 D . 3.49 17.79 -14.77
O5 PG4 D . 3.83 18.74 -15.78
O1 PG4 E . -5.45 13.14 -4.56
C1 PG4 E . -4.55 12.22 -3.92
C2 PG4 E . -5.36 11.06 -3.33
O2 PG4 E . -4.57 9.87 -3.33
C3 PG4 E . -5.18 8.78 -2.64
C4 PG4 E . -4.74 8.77 -1.18
O3 PG4 E . -3.58 7.96 -1.02
C5 PG4 E . -3.03 7.94 0.30
C6 PG4 E . -1.55 8.30 0.25
O4 PG4 E . -1.33 9.65 0.68
C7 PG4 E . -1.90 10.67 -0.16
C8 PG4 E . -0.94 11.85 -0.36
O5 PG4 E . -0.08 12.04 0.77
O1 PG4 F . 21.64 -5.94 -30.17
C1 PG4 F . 20.97 -4.77 -29.69
C2 PG4 F . 19.49 -4.85 -30.01
O2 PG4 F . 18.92 -6.00 -29.38
C3 PG4 F . 17.57 -6.27 -29.78
C4 PG4 F . 16.80 -6.85 -28.60
O3 PG4 F . 15.49 -6.30 -28.49
C5 PG4 F . 15.42 -4.96 -28.01
C6 PG4 F . 14.79 -4.06 -29.06
O4 PG4 F . 13.41 -3.84 -28.76
C7 PG4 F . 13.17 -2.74 -27.89
C8 PG4 F . 13.18 -1.42 -28.67
O5 PG4 F . 11.85 -0.96 -28.86
O1 PE8 G . 15.61 21.67 -12.79
C2 PE8 G . 16.86 22.33 -13.07
C3 PE8 G . 17.34 21.97 -14.47
O4 PE8 G . 18.51 21.15 -14.41
C5 PE8 G . 19.74 21.85 -14.19
C6 PE8 G . 20.57 21.11 -13.15
O7 PE8 G . 21.38 22.02 -12.40
C8 PE8 G . 21.28 21.91 -10.97
C9 PE8 G . 22.20 20.81 -10.44
O10 PE8 G . 21.87 20.52 -9.08
C11 PE8 G . 21.10 19.32 -8.91
C12 PE8 G . 20.59 19.19 -7.48
O13 PE8 G . 19.16 19.09 -7.45
C14 PE8 G . 18.50 20.35 -7.34
C15 PE8 G . 17.03 20.22 -7.66
O16 PE8 G . 16.85 19.68 -8.98
C17 PE8 G . 15.51 19.31 -9.33
C18 PE8 G . 15.17 18.06 -8.53
O19 PE8 G . 14.29 17.13 -9.15
C20 PE8 G . 12.91 17.42 -8.95
C21 PE8 G . 12.27 16.60 -7.83
O22 PE8 G . 12.77 16.96 -6.54
C23 PE8 G . 12.09 18.03 -5.89
C24 PE8 G . 12.81 18.33 -4.58
O25 PE8 G . 12.42 19.60 -4.05
C1 PGE H . 20.47 9.25 -26.35
O1 PGE H . 19.89 8.65 -27.50
C2 PGE H . 21.08 8.18 -25.43
O2 PGE H . 22.43 7.90 -25.82
C3 PGE H . 23.41 8.75 -25.22
C4 PGE H . 24.75 8.63 -25.94
O4 PGE H . 27.25 5.95 -29.06
C6 PGE H . 26.13 6.03 -28.16
C5 PGE H . 25.97 7.46 -27.65
O3 PGE H . 24.73 7.61 -26.95
C1 PEG I . 30.09 -8.36 -25.23
O1 PEG I . 30.97 -8.33 -24.11
C2 PEG I . 28.79 -7.63 -24.93
O2 PEG I . 28.90 -6.27 -25.34
C3 PEG I . 27.65 -5.66 -25.63
C4 PEG I . 27.85 -4.17 -25.87
O4 PEG I . 28.28 -3.95 -27.22
C1 PEG J . 8.32 12.67 3.84
O1 PEG J . 7.42 13.26 2.89
C2 PEG J . 7.85 11.30 4.31
O2 PEG J . 7.35 10.52 3.21
C3 PEG J . 7.83 9.17 3.15
C4 PEG J . 7.32 8.48 1.88
O4 PEG J . 8.19 7.41 1.49
O1 PG4 K . 15.29 18.72 7.50
C1 PG4 K . 15.51 20.11 7.21
C2 PG4 K . 16.19 20.26 5.85
O2 PG4 K . 17.45 20.95 5.96
C3 PG4 K . 18.52 20.24 6.60
C4 PG4 K . 19.88 20.66 6.06
O3 PG4 K . 19.77 21.26 4.77
C5 PG4 K . 20.02 20.38 3.67
C6 PG4 K . 19.59 21.05 2.37
O4 PG4 K . 18.33 20.53 1.94
C7 PG4 K . 17.97 20.88 0.60
C8 PG4 K . 18.53 19.87 -0.39
O5 PG4 K . 19.17 20.54 -1.48
C1 PEG L . 0.63 3.95 -3.00
O1 PEG L . 0.24 2.60 -2.74
C2 PEG L . 0.58 4.23 -4.49
O2 PEG L . -0.34 5.31 -4.74
C3 PEG L . -0.74 5.43 -6.11
C4 PEG L . -1.98 4.58 -6.39
O4 PEG L . -1.69 3.60 -7.40
K K M . 8.03 -15.55 20.11
C1 PGE N . 3.55 -3.85 0.43
O1 PGE N . 2.24 -4.27 0.84
C2 PGE N . 3.61 -2.34 0.32
O2 PGE N . 4.40 -1.94 -0.79
C3 PGE N . 4.62 -0.52 -0.86
C4 PGE N . 4.72 -0.06 -2.32
O4 PGE N . 8.76 -2.36 -2.25
C6 PGE N . 7.44 -1.95 -1.88
C5 PGE N . 7.00 -0.77 -2.74
O3 PGE N . 5.62 -0.89 -3.07
OH2 1PE O . 15.90 4.04 -30.13
C12 1PE O . 14.92 3.62 -29.18
C22 1PE O . 15.32 4.10 -27.78
OH3 1PE O . 14.50 5.22 -27.41
C13 1PE O . 12.33 6.03 -26.69
C23 1PE O . 13.29 4.85 -26.75
OH4 1PE O . 12.20 6.64 -27.97
C14 1PE O . 10.75 8.03 -29.33
C24 1PE O . 11.44 7.87 -27.99
OH5 1PE O . 9.85 6.94 -29.56
C15 1PE O . 10.15 6.29 -31.88
C25 1PE O . 9.24 6.96 -30.86
OH6 1PE O . 10.27 7.11 -33.05
C16 1PE O . 12.41 8.21 -32.87
C26 1PE O . 11.58 7.18 -33.61
OH7 1PE O . 13.22 8.96 -33.79
C1 PGE P . -26.43 9.55 6.71
O1 PGE P . -26.46 10.89 7.21
C2 PGE P . -26.35 8.57 7.89
O2 PGE P . -25.65 7.38 7.50
C3 PGE P . -24.47 7.09 8.25
C4 PGE P . -23.35 8.06 7.86
O4 PGE P . -19.48 9.87 7.12
C6 PGE P . -20.71 9.15 6.92
C5 PGE P . -20.96 8.25 8.13
O3 PGE P . -22.09 7.40 7.89
C1 PGE Q . 1.57 -3.39 -33.15
O1 PGE Q . 2.03 -2.51 -34.19
C2 PGE Q . 2.64 -4.45 -32.87
O2 PGE Q . 2.36 -5.64 -33.61
C3 PGE Q . 1.52 -6.59 -32.95
C4 PGE Q . 2.39 -7.73 -32.45
O4 PGE Q . 0.82 -11.65 -31.68
C6 PGE Q . 0.28 -10.80 -32.69
C5 PGE Q . 1.35 -9.79 -33.12
O3 PGE Q . 1.55 -8.83 -32.07
C1 PGE R . 2.01 -4.94 33.26
O1 PGE R . 2.87 -4.39 32.25
C2 PGE R . 0.56 -4.51 33.03
O2 PGE R . -0.30 -5.63 32.92
C3 PGE R . -1.61 -5.32 32.43
C4 PGE R . -2.67 -6.00 33.32
O4 PGE R . -2.30 -9.91 30.85
C6 PGE R . -3.20 -9.39 31.82
C5 PGE R . -2.52 -8.31 32.67
O3 PGE R . -3.27 -7.10 32.62
#